data_5H3R
#
_entry.id   5H3R
#
_cell.length_a   67.435
_cell.length_b   67.435
_cell.length_c   219.951
_cell.angle_alpha   90.00
_cell.angle_beta   90.00
_cell.angle_gamma   120.00
#
_symmetry.space_group_name_H-M   'P 61'
#
loop_
_entity.id
_entity.type
_entity.pdbx_description
1 polymer "DNA (5'-D(*CP*AP*TP*AP*CP*TP*TP*GP*CP*CP*TP*GP*GP*GP*CP*AP*AP*TP*AP*TP*T)-3')"
2 polymer "DNA (5'-D(*GP*AP*AP*TP*AP*TP*TP*GP*CP*CP*CP*AP*GP*GP*CP*AP*AP*GP*TP*AP*T)-3')"
3 polymer 'Multiple antibiotic resistance protein MarR'
4 water water
#
loop_
_entity_poly.entity_id
_entity_poly.type
_entity_poly.pdbx_seq_one_letter_code
_entity_poly.pdbx_strand_id
1 'polydeoxyribonucleotide'
;(DC)(DA)(DT)(DA)(DC)(DT)(DT)(DG)(DC)(DC)(DT)(DG)(DG)(DG)(DC)(DA)(DA)(DT)(DA)(DT)
(DT)
;
C
2 'polydeoxyribonucleotide'
;(DG)(DA)(DA)(DT)(DA)(DT)(DT)(DG)(DC)(DC)(DC)(DA)(DG)(DG)(DC)(DA)(DA)(DG)(DT)(DA)
(DT)
;
D
3 'polypeptide(L)'
;GSHMKSTSDLFNEIIPLGRLIHMVNQKKDRLLNEYLSPLDITAAQFKVLCSIRCAACITPVELKKVLSVDLGALTRMLDR
LVSKGWVERLPNPNDKRGVLVKLTTGGAAICEQCHQLVGQDLHQELTKNLTADEVATLEYLLKKVLP
;
A,B
#
# COMPACT_ATOMS: atom_id res chain seq x y z
N THR C 7 8.60 -21.96 -12.12
CA THR C 7 8.34 -22.47 -10.78
C THR C 7 8.86 -21.51 -9.71
N SER C 8 10.06 -20.99 -9.92
CA SER C 8 10.64 -20.02 -8.99
C SER C 8 9.94 -18.67 -9.11
N ASP C 9 9.96 -17.90 -8.03
CA ASP C 9 9.22 -16.64 -8.00
C ASP C 9 10.01 -15.49 -8.61
N LEU C 10 9.59 -15.09 -9.81
CA LEU C 10 10.21 -13.98 -10.53
C LEU C 10 10.04 -12.67 -9.76
N PHE C 11 8.84 -12.47 -9.23
CA PHE C 11 8.52 -11.29 -8.43
C PHE C 11 9.45 -11.21 -7.22
N ASN C 12 9.47 -12.26 -6.41
CA ASN C 12 10.33 -12.30 -5.23
C ASN C 12 11.80 -12.18 -5.59
N GLU C 13 12.16 -12.63 -6.79
CA GLU C 13 13.52 -12.52 -7.28
C GLU C 13 13.88 -11.06 -7.55
N ILE C 14 12.93 -10.31 -8.11
CA ILE C 14 13.18 -8.92 -8.48
C ILE C 14 13.08 -7.97 -7.29
N ILE C 15 12.08 -8.17 -6.43
CA ILE C 15 11.96 -7.37 -5.22
C ILE C 15 11.68 -8.22 -3.99
N PRO C 16 12.76 -8.70 -3.33
CA PRO C 16 12.72 -9.55 -2.14
C PRO C 16 11.85 -9.02 -0.99
N LEU C 17 11.58 -7.72 -0.97
CA LEU C 17 10.79 -7.12 0.11
C LEU C 17 9.38 -6.74 -0.34
N GLY C 18 9.07 -6.95 -1.62
CA GLY C 18 7.81 -6.54 -2.20
C GLY C 18 6.57 -7.04 -1.47
N ARG C 19 6.31 -8.34 -1.62
CA ARG C 19 5.15 -8.97 -0.99
C ARG C 19 5.14 -8.75 0.51
N LEU C 20 6.32 -8.68 1.10
CA LEU C 20 6.44 -8.48 2.54
C LEU C 20 5.98 -7.14 3.04
N ILE C 21 6.51 -6.08 2.48
CA ILE C 21 6.05 -4.73 2.79
C ILE C 21 4.57 -4.55 2.44
N HIS C 22 4.17 -5.09 1.30
CA HIS C 22 2.78 -5.00 0.89
C HIS C 22 1.83 -5.62 1.91
N MET C 23 2.15 -6.83 2.37
CA MET C 23 1.28 -7.53 3.31
C MET C 23 1.31 -6.92 4.70
N VAL C 24 2.46 -6.41 5.10
CA VAL C 24 2.56 -5.69 6.38
C VAL C 24 1.67 -4.45 6.35
N ASN C 25 1.81 -3.66 5.30
CA ASN C 25 1.02 -2.45 5.13
C ASN C 25 -0.47 -2.76 5.06
N GLN C 26 -0.81 -3.84 4.36
CA GLN C 26 -2.20 -4.26 4.22
C GLN C 26 -2.80 -4.67 5.57
N LYS C 27 -2.00 -5.39 6.36
CA LYS C 27 -2.43 -5.79 7.69
C LYS C 27 -2.66 -4.56 8.57
N LYS C 28 -1.72 -3.62 8.51
CA LYS C 28 -1.84 -2.37 9.23
C LYS C 28 -3.13 -1.63 8.90
N ASP C 29 -3.40 -1.50 7.60
CA ASP C 29 -4.60 -0.82 7.13
C ASP C 29 -5.88 -1.52 7.55
N ARG C 30 -5.91 -2.85 7.42
CA ARG C 30 -7.08 -3.62 7.80
C ARG C 30 -7.36 -3.49 9.30
N LEU C 31 -6.29 -3.55 10.09
CA LEU C 31 -6.40 -3.38 11.54
C LEU C 31 -6.94 -2.00 11.91
N LEU C 32 -6.35 -0.96 11.32
CA LEU C 32 -6.78 0.41 11.62
C LEU C 32 -8.23 0.64 11.20
N ASN C 33 -8.62 0.06 10.06
CA ASN C 33 -10.00 0.16 9.60
C ASN C 33 -10.96 -0.54 10.54
N GLU C 34 -10.55 -1.69 11.07
CA GLU C 34 -11.40 -2.45 11.98
C GLU C 34 -11.52 -1.75 13.35
N TYR C 35 -10.45 -1.07 13.75
CA TYR C 35 -10.46 -0.32 15.01
C TYR C 35 -11.36 0.91 14.94
N LEU C 36 -11.46 1.50 13.75
CA LEU C 36 -12.25 2.72 13.57
C LEU C 36 -13.66 2.41 13.07
N SER C 37 -14.04 1.13 13.11
CA SER C 37 -15.33 0.68 12.62
C SER C 37 -16.55 1.40 13.22
N PRO C 38 -16.65 1.50 14.55
CA PRO C 38 -17.89 2.05 15.10
C PRO C 38 -18.07 3.55 14.84
N LEU C 39 -16.99 4.24 14.51
CA LEU C 39 -17.05 5.69 14.30
C LEU C 39 -17.38 6.05 12.86
N ASP C 40 -17.53 5.03 12.02
CA ASP C 40 -17.88 5.21 10.60
C ASP C 40 -16.91 6.13 9.86
N ILE C 41 -15.62 5.97 10.14
CA ILE C 41 -14.59 6.71 9.42
C ILE C 41 -13.45 5.76 9.03
N THR C 42 -13.00 5.85 7.78
CA THR C 42 -11.95 4.98 7.29
C THR C 42 -10.57 5.42 7.80
N ALA C 43 -9.57 4.59 7.56
CA ALA C 43 -8.21 4.88 8.02
C ALA C 43 -7.64 6.11 7.30
N ALA C 44 -7.77 6.13 5.98
CA ALA C 44 -7.26 7.21 5.15
C ALA C 44 -7.85 8.55 5.56
N GLN C 45 -9.18 8.59 5.65
CA GLN C 45 -9.91 9.78 6.07
C GLN C 45 -9.39 10.29 7.40
N PHE C 46 -9.21 9.38 8.35
CA PHE C 46 -8.70 9.73 9.67
C PHE C 46 -7.31 10.33 9.57
N LYS C 47 -6.49 9.77 8.69
CA LYS C 47 -5.13 10.26 8.48
C LYS C 47 -5.12 11.71 7.99
N VAL C 48 -5.96 11.99 6.98
CA VAL C 48 -6.07 13.34 6.45
C VAL C 48 -6.59 14.31 7.52
N LEU C 49 -7.59 13.85 8.29
CA LEU C 49 -8.12 14.63 9.40
C LEU C 49 -7.02 14.98 10.40
N CYS C 50 -6.13 14.01 10.64
CA CYS C 50 -5.01 14.22 11.55
C CYS C 50 -4.09 15.30 11.02
N SER C 51 -3.69 15.18 9.76
CA SER C 51 -2.78 16.15 9.17
C SER C 51 -3.34 17.58 9.22
N ILE C 52 -4.59 17.70 8.77
CA ILE C 52 -5.30 18.98 8.85
C ILE C 52 -5.34 19.50 10.27
N ARG C 53 -5.56 18.60 11.23
CA ARG C 53 -5.60 18.95 12.64
C ARG C 53 -4.28 19.55 13.13
N CYS C 54 -3.18 18.91 12.78
CA CYS C 54 -1.85 19.36 13.18
C CYS C 54 -1.55 20.73 12.57
N ALA C 55 -1.85 20.90 11.30
CA ALA C 55 -1.60 22.14 10.61
C ALA C 55 -2.51 23.24 11.06
N ALA C 56 -3.72 22.87 11.43
CA ALA C 56 -4.77 23.78 11.81
C ALA C 56 -5.35 24.35 10.56
N CYS C 57 -4.53 24.98 9.75
CA CYS C 57 -5.00 25.52 8.51
C CYS C 57 -4.02 25.08 7.49
N ILE C 58 -4.49 24.61 6.37
CA ILE C 58 -3.48 24.19 5.39
C ILE C 58 -3.99 24.18 3.96
N THR C 59 -3.12 24.57 3.03
CA THR C 59 -3.45 24.52 1.61
C THR C 59 -3.33 23.08 1.10
N PRO C 60 -4.18 22.72 0.13
CA PRO C 60 -4.14 21.37 -0.44
C PRO C 60 -2.77 20.96 -1.00
N VAL C 61 -1.97 21.91 -1.46
CA VAL C 61 -0.64 21.59 -1.98
C VAL C 61 0.29 21.11 -0.87
N GLU C 62 0.37 21.89 0.21
CA GLU C 62 1.17 21.52 1.38
C GLU C 62 0.66 20.23 2.00
N LEU C 63 -0.66 20.08 2.03
CA LEU C 63 -1.29 18.87 2.57
C LEU C 63 -0.93 17.66 1.72
N LYS C 64 -0.88 17.88 0.41
CA LYS C 64 -0.46 16.85 -0.52
C LYS C 64 0.97 16.43 -0.21
N LYS C 65 1.83 17.39 0.03
CA LYS C 65 3.22 17.08 0.34
C LYS C 65 3.37 16.36 1.70
N VAL C 66 2.50 16.68 2.65
CA VAL C 66 2.60 16.06 3.97
C VAL C 66 1.95 14.67 3.97
N LEU C 67 1.11 14.40 2.98
CA LEU C 67 0.45 13.11 2.88
C LEU C 67 1.11 12.19 1.85
N SER C 68 1.93 12.78 1.00
CA SER C 68 2.52 12.07 -0.14
C SER C 68 1.44 11.40 -0.98
N VAL C 69 0.53 12.20 -1.50
CA VAL C 69 -0.60 11.70 -2.28
C VAL C 69 -0.86 12.63 -3.47
N ASP C 70 -1.39 12.06 -4.55
CA ASP C 70 -1.77 12.84 -5.72
C ASP C 70 -2.71 13.98 -5.34
N LEU C 71 -2.55 15.12 -6.01
CA LEU C 71 -3.34 16.31 -5.70
C LEU C 71 -4.82 16.13 -6.04
N GLY C 72 -5.10 15.49 -7.17
CA GLY C 72 -6.48 15.27 -7.58
C GLY C 72 -7.21 14.32 -6.65
N ALA C 73 -6.51 13.23 -6.32
CA ALA C 73 -7.04 12.26 -5.36
C ALA C 73 -7.33 12.93 -4.04
N LEU C 74 -6.42 13.80 -3.61
CA LEU C 74 -6.59 14.56 -2.37
C LEU C 74 -7.80 15.48 -2.47
N THR C 75 -8.01 16.06 -3.65
CA THR C 75 -9.15 16.95 -3.87
C THR C 75 -10.45 16.19 -3.68
N ARG C 76 -10.51 14.98 -4.23
CA ARG C 76 -11.70 14.14 -4.07
C ARG C 76 -11.88 13.70 -2.61
N MET C 77 -10.77 13.36 -1.96
CA MET C 77 -10.82 12.99 -0.54
C MET C 77 -11.37 14.14 0.30
N LEU C 78 -10.92 15.35 0.01
CA LEU C 78 -11.36 16.54 0.70
C LEU C 78 -12.84 16.77 0.44
N ASP C 79 -13.28 16.47 -0.77
CA ASP C 79 -14.71 16.57 -1.09
C ASP C 79 -15.53 15.61 -0.22
N ARG C 80 -15.01 14.39 -0.06
CA ARG C 80 -15.69 13.41 0.80
C ARG C 80 -15.74 13.90 2.23
N LEU C 81 -14.61 14.38 2.73
CA LEU C 81 -14.53 14.88 4.11
C LEU C 81 -15.42 16.10 4.34
N VAL C 82 -15.67 16.87 3.28
CA VAL C 82 -16.56 18.03 3.40
C VAL C 82 -18.01 17.55 3.44
N SER C 83 -18.35 16.60 2.58
CA SER C 83 -19.73 16.10 2.53
C SER C 83 -20.12 15.38 3.83
N LYS C 84 -19.13 14.89 4.58
CA LYS C 84 -19.40 14.24 5.86
C LYS C 84 -19.31 15.24 7.01
N GLY C 85 -19.11 16.51 6.67
CA GLY C 85 -19.11 17.58 7.65
C GLY C 85 -17.94 17.54 8.63
N TRP C 86 -16.77 17.15 8.14
CA TRP C 86 -15.59 17.07 8.98
C TRP C 86 -14.56 18.14 8.60
N VAL C 87 -14.58 18.55 7.34
CA VAL C 87 -13.62 19.51 6.83
C VAL C 87 -14.35 20.65 6.10
N GLU C 88 -13.79 21.85 6.19
CA GLU C 88 -14.32 22.99 5.47
C GLU C 88 -13.23 23.66 4.62
N ARG C 89 -13.61 24.07 3.42
CA ARG C 89 -12.78 24.91 2.56
C ARG C 89 -13.11 26.37 2.80
N LEU C 90 -12.12 27.22 2.66
CA LEU C 90 -12.31 28.66 2.76
C LEU C 90 -11.32 29.37 1.84
N PRO C 91 -11.73 30.52 1.29
CA PRO C 91 -10.82 31.29 0.44
C PRO C 91 -9.54 31.68 1.18
N ASN C 92 -8.38 31.43 0.56
CA ASN C 92 -7.09 31.74 1.16
C ASN C 92 -6.75 33.22 1.00
N PRO C 93 -6.67 33.95 2.13
CA PRO C 93 -6.42 35.40 2.12
C PRO C 93 -5.01 35.77 1.65
N ASN C 94 -4.13 34.78 1.53
CA ASN C 94 -2.77 35.05 1.08
C ASN C 94 -2.49 34.55 -0.33
N ASP C 95 -3.54 34.08 -1.00
CA ASP C 95 -3.41 33.63 -2.38
C ASP C 95 -4.77 33.63 -3.08
N LYS C 96 -4.87 34.38 -4.17
CA LYS C 96 -6.14 34.58 -4.87
C LYS C 96 -6.65 33.29 -5.52
N ARG C 97 -5.74 32.40 -5.85
CA ARG C 97 -6.09 31.18 -6.55
C ARG C 97 -6.06 29.97 -5.62
N GLY C 98 -5.74 30.20 -4.36
CA GLY C 98 -5.59 29.13 -3.40
C GLY C 98 -6.81 28.90 -2.51
N VAL C 99 -6.76 27.81 -1.77
CA VAL C 99 -7.80 27.47 -0.81
C VAL C 99 -7.15 27.05 0.50
N LEU C 100 -7.75 27.45 1.61
CA LEU C 100 -7.33 26.94 2.92
C LEU C 100 -8.33 25.91 3.40
N VAL C 101 -7.82 24.82 3.97
CA VAL C 101 -8.65 23.75 4.48
C VAL C 101 -8.48 23.68 6.00
N LYS C 102 -9.60 23.46 6.69
CA LYS C 102 -9.60 23.39 8.15
C LYS C 102 -10.61 22.37 8.68
N LEU C 103 -10.45 21.96 9.93
CA LEU C 103 -11.40 21.06 10.58
C LEU C 103 -12.64 21.79 11.07
N THR C 104 -13.80 21.19 10.87
CA THR C 104 -15.02 21.67 11.51
C THR C 104 -15.00 21.24 12.97
N THR C 105 -15.98 21.69 13.74
CA THR C 105 -16.08 21.30 15.14
C THR C 105 -16.35 19.80 15.25
N GLY C 106 -17.21 19.29 14.37
CA GLY C 106 -17.52 17.88 14.33
C GLY C 106 -16.33 17.05 13.87
N GLY C 107 -15.53 17.61 12.95
CA GLY C 107 -14.35 16.93 12.47
C GLY C 107 -13.32 16.73 13.56
N ALA C 108 -13.04 17.81 14.29
CA ALA C 108 -12.12 17.75 15.42
C ALA C 108 -12.68 16.83 16.51
N ALA C 109 -13.99 16.81 16.63
CA ALA C 109 -14.57 15.94 17.60
C ALA C 109 -14.39 14.49 17.28
N ILE C 110 -14.78 14.05 16.10
CA ILE C 110 -14.61 12.66 15.72
C ILE C 110 -13.13 12.27 15.63
N CYS C 111 -12.27 13.26 15.36
CA CYS C 111 -10.84 13.02 15.33
C CYS C 111 -10.36 12.64 16.72
N GLU C 112 -10.76 13.45 17.71
CA GLU C 112 -10.42 13.17 19.10
C GLU C 112 -11.03 11.85 19.57
N GLN C 113 -12.26 11.59 19.11
CA GLN C 113 -12.94 10.33 19.40
C GLN C 113 -12.10 9.16 18.93
N CYS C 114 -11.57 9.26 17.72
CA CYS C 114 -10.70 8.22 17.18
C CYS C 114 -9.45 8.05 18.03
N HIS C 115 -8.81 9.17 18.34
CA HIS C 115 -7.58 9.15 19.13
C HIS C 115 -7.77 8.44 20.46
N GLN C 116 -8.87 8.73 21.13
CA GLN C 116 -9.15 8.11 22.42
C GLN C 116 -9.59 6.65 22.24
N LEU C 117 -10.26 6.37 21.12
CA LEU C 117 -10.78 5.03 20.86
C LEU C 117 -9.67 4.02 20.62
N VAL C 118 -8.79 4.30 19.67
CA VAL C 118 -7.77 3.30 19.31
C VAL C 118 -6.57 3.34 20.25
N GLY C 119 -6.22 4.52 20.74
CA GLY C 119 -5.10 4.69 21.64
C GLY C 119 -3.82 4.05 21.14
N GLN C 120 -3.29 3.11 21.92
CA GLN C 120 -2.06 2.42 21.57
C GLN C 120 -2.32 0.96 21.21
N ASP C 121 -3.59 0.57 21.18
CA ASP C 121 -3.98 -0.80 20.87
C ASP C 121 -3.45 -1.27 19.52
N LEU C 122 -3.43 -0.37 18.55
CA LEU C 122 -2.97 -0.71 17.21
C LEU C 122 -1.45 -0.88 17.16
N HIS C 123 -0.73 0.09 17.73
CA HIS C 123 0.72 0.01 17.79
C HIS C 123 1.16 -1.21 18.59
N GLN C 124 0.34 -1.58 19.57
CA GLN C 124 0.61 -2.75 20.41
C GLN C 124 0.41 -4.04 19.62
N GLU C 125 -0.76 -4.18 19.00
CA GLU C 125 -1.11 -5.40 18.28
C GLU C 125 -0.24 -5.59 17.03
N LEU C 126 0.30 -4.49 16.51
CA LEU C 126 1.13 -4.57 15.32
C LEU C 126 2.58 -4.89 15.67
N THR C 127 2.99 -4.59 16.90
CA THR C 127 4.36 -4.82 17.33
C THR C 127 4.45 -5.80 18.49
N LYS C 128 3.45 -6.67 18.61
CA LYS C 128 3.41 -7.63 19.72
C LYS C 128 4.42 -8.76 19.54
N ASN C 129 4.74 -9.08 18.29
CA ASN C 129 5.69 -10.14 17.99
C ASN C 129 7.13 -9.62 17.98
N LEU C 130 7.29 -8.34 18.33
CA LEU C 130 8.62 -7.72 18.35
C LEU C 130 8.96 -7.20 19.74
N THR C 131 10.26 -7.10 20.01
CA THR C 131 10.71 -6.47 21.24
C THR C 131 10.76 -4.96 21.05
N ALA C 132 11.24 -4.24 22.04
CA ALA C 132 11.28 -2.79 21.99
C ALA C 132 12.22 -2.29 20.89
N ASP C 133 13.47 -2.74 20.95
CA ASP C 133 14.48 -2.23 20.02
C ASP C 133 14.54 -3.04 18.73
N GLU C 134 13.75 -4.12 18.66
CA GLU C 134 13.47 -4.72 17.37
C GLU C 134 12.62 -3.74 16.58
N VAL C 135 11.63 -3.17 17.26
CA VAL C 135 10.79 -2.12 16.70
C VAL C 135 11.62 -0.88 16.40
N ALA C 136 12.50 -0.50 17.32
CA ALA C 136 13.37 0.66 17.11
C ALA C 136 14.25 0.49 15.87
N THR C 137 14.88 -0.67 15.77
CA THR C 137 15.72 -0.99 14.61
C THR C 137 14.91 -0.96 13.32
N LEU C 138 13.75 -1.60 13.37
CA LEU C 138 12.82 -1.63 12.23
C LEU C 138 12.53 -0.23 11.74
N GLU C 139 12.17 0.68 12.64
CA GLU C 139 11.91 2.07 12.24
C GLU C 139 13.12 2.76 11.69
N TYR C 140 14.23 2.68 12.41
CA TYR C 140 15.50 3.23 11.90
C TYR C 140 15.78 2.85 10.44
N LEU C 141 15.78 1.55 10.17
CA LEU C 141 16.00 1.04 8.83
C LEU C 141 14.97 1.59 7.84
N LEU C 142 13.70 1.53 8.23
CA LEU C 142 12.63 2.03 7.36
C LEU C 142 12.82 3.49 6.97
N LYS C 143 13.19 4.35 7.94
CA LYS C 143 13.44 5.75 7.62
C LYS C 143 14.65 5.89 6.71
N LYS C 144 15.69 5.09 6.98
CA LYS C 144 16.91 5.20 6.19
C LYS C 144 16.68 4.81 4.74
N VAL C 145 15.77 3.86 4.51
CA VAL C 145 15.38 3.49 3.16
C VAL C 145 14.74 4.66 2.42
N LEU C 146 13.83 5.34 3.11
CA LEU C 146 13.09 6.46 2.53
C LEU C 146 14.03 7.53 1.99
N PRO C 147 13.62 8.17 0.88
CA PRO C 147 14.41 9.22 0.23
C PRO C 147 14.85 10.31 1.21
N SER D 8 0.85 18.64 17.13
CA SER D 8 0.99 17.26 17.54
C SER D 8 0.37 16.36 16.51
N ASP D 9 1.15 15.41 15.99
CA ASP D 9 0.67 14.49 14.98
C ASP D 9 -0.01 13.30 15.65
N LEU D 10 -1.34 13.30 15.61
CA LEU D 10 -2.14 12.24 16.22
C LEU D 10 -1.82 10.87 15.64
N PHE D 11 -1.59 10.84 14.33
CA PHE D 11 -1.34 9.61 13.59
C PHE D 11 -0.01 8.97 13.99
N ASN D 12 1.01 9.80 14.15
CA ASN D 12 2.34 9.32 14.57
C ASN D 12 2.36 8.99 16.06
N GLU D 13 1.35 9.48 16.78
CA GLU D 13 1.21 9.16 18.20
C GLU D 13 0.54 7.81 18.35
N ILE D 14 -0.43 7.52 17.49
CA ILE D 14 -1.12 6.23 17.51
C ILE D 14 -0.29 5.13 16.87
N ILE D 15 0.19 5.39 15.65
CA ILE D 15 1.01 4.42 14.93
C ILE D 15 2.23 5.05 14.27
N PRO D 16 3.36 5.07 14.99
CA PRO D 16 4.63 5.60 14.47
C PRO D 16 5.11 4.83 13.24
N LEU D 17 4.82 3.54 13.21
CA LEU D 17 5.19 2.69 12.09
C LEU D 17 4.37 2.97 10.85
N GLY D 18 3.07 3.24 11.05
CA GLY D 18 2.11 3.38 9.97
C GLY D 18 2.57 4.17 8.74
N ARG D 19 2.83 5.45 8.94
CA ARG D 19 3.27 6.34 7.87
C ARG D 19 4.54 5.82 7.21
N LEU D 20 5.39 5.28 8.05
CA LEU D 20 6.64 4.77 7.61
C LEU D 20 6.49 3.58 6.71
N ILE D 21 5.68 2.63 7.10
CA ILE D 21 5.47 1.45 6.29
C ILE D 21 4.79 1.82 5.01
N HIS D 22 3.81 2.69 5.11
CA HIS D 22 3.05 3.17 3.97
C HIS D 22 3.94 3.82 2.93
N MET D 23 4.83 4.70 3.39
CA MET D 23 5.70 5.44 2.48
C MET D 23 6.73 4.53 1.81
N VAL D 24 7.23 3.54 2.53
CA VAL D 24 8.14 2.57 1.94
C VAL D 24 7.44 1.76 0.85
N ASN D 25 6.24 1.27 1.19
CA ASN D 25 5.43 0.54 0.22
C ASN D 25 5.15 1.38 -1.02
N GLN D 26 4.93 2.67 -0.80
CA GLN D 26 4.63 3.60 -1.89
C GLN D 26 5.86 3.82 -2.78
N LYS D 27 7.01 3.90 -2.15
CA LYS D 27 8.24 4.07 -2.87
C LYS D 27 8.48 2.89 -3.74
N LYS D 28 8.30 1.71 -3.20
CA LYS D 28 8.47 0.48 -3.93
C LYS D 28 7.50 0.38 -5.09
N ASP D 29 6.26 0.73 -4.87
CA ASP D 29 5.29 0.71 -5.96
C ASP D 29 5.65 1.68 -7.09
N ARG D 30 6.02 2.90 -6.72
CA ARG D 30 6.35 3.92 -7.71
C ARG D 30 7.56 3.50 -8.54
N LEU D 31 8.61 3.06 -7.85
CA LEU D 31 9.83 2.59 -8.52
C LEU D 31 9.53 1.41 -9.45
N LEU D 32 8.87 0.39 -8.92
CA LEU D 32 8.52 -0.79 -9.71
C LEU D 32 7.73 -0.40 -10.97
N ASN D 33 6.76 0.49 -10.80
CA ASN D 33 5.99 0.97 -11.94
C ASN D 33 6.85 1.71 -12.95
N GLU D 34 7.79 2.52 -12.46
CA GLU D 34 8.70 3.24 -13.36
C GLU D 34 9.55 2.27 -14.19
N TYR D 35 10.03 1.22 -13.54
CA TYR D 35 10.84 0.21 -14.23
C TYR D 35 10.03 -0.59 -15.24
N LEU D 36 8.79 -0.92 -14.90
CA LEU D 36 7.95 -1.73 -15.79
C LEU D 36 7.30 -0.90 -16.89
N SER D 37 7.36 0.42 -16.73
CA SER D 37 6.68 1.36 -17.63
C SER D 37 6.96 1.19 -19.14
N PRO D 38 8.22 0.99 -19.55
CA PRO D 38 8.44 0.92 -21.01
C PRO D 38 7.87 -0.32 -21.69
N LEU D 39 7.42 -1.31 -20.90
CA LEU D 39 6.86 -2.54 -21.46
C LEU D 39 5.33 -2.51 -21.43
N ASP D 40 4.77 -1.40 -20.97
CA ASP D 40 3.32 -1.19 -20.89
C ASP D 40 2.63 -2.21 -19.98
N ILE D 41 3.26 -2.52 -18.85
CA ILE D 41 2.63 -3.38 -17.84
C ILE D 41 2.80 -2.75 -16.46
N THR D 42 1.76 -2.84 -15.63
CA THR D 42 1.79 -2.25 -14.30
C THR D 42 2.40 -3.21 -13.28
N ALA D 43 2.64 -2.71 -12.07
CA ALA D 43 3.24 -3.52 -11.02
C ALA D 43 2.31 -4.62 -10.54
N ALA D 44 1.03 -4.28 -10.40
CA ALA D 44 0.03 -5.23 -9.94
C ALA D 44 -0.12 -6.38 -10.94
N GLN D 45 -0.33 -6.00 -12.20
CA GLN D 45 -0.44 -6.96 -13.29
C GLN D 45 0.75 -7.90 -13.34
N PHE D 46 1.95 -7.33 -13.24
CA PHE D 46 3.18 -8.11 -13.26
C PHE D 46 3.24 -9.08 -12.09
N LYS D 47 2.83 -8.61 -10.91
CA LYS D 47 2.79 -9.43 -9.71
C LYS D 47 1.91 -10.67 -9.90
N VAL D 48 0.68 -10.43 -10.38
CA VAL D 48 -0.24 -11.51 -10.66
C VAL D 48 0.34 -12.49 -11.69
N LEU D 49 0.90 -11.94 -12.77
CA LEU D 49 1.54 -12.76 -13.80
C LEU D 49 2.64 -13.65 -13.20
N CYS D 50 3.37 -13.11 -12.25
CA CYS D 50 4.43 -13.87 -11.58
C CYS D 50 3.85 -14.99 -10.74
N SER D 51 2.74 -14.73 -10.06
CA SER D 51 2.10 -15.79 -9.26
C SER D 51 1.58 -16.93 -10.13
N ILE D 52 0.88 -16.57 -11.21
CA ILE D 52 0.40 -17.56 -12.17
C ILE D 52 1.58 -18.35 -12.75
N ARG D 53 2.68 -17.64 -12.99
CA ARG D 53 3.89 -18.24 -13.54
C ARG D 53 4.49 -19.25 -12.55
N CYS D 54 4.41 -18.92 -11.26
CA CYS D 54 4.86 -19.83 -10.21
C CYS D 54 4.02 -21.11 -10.19
N ALA D 55 2.72 -20.97 -10.16
CA ALA D 55 1.84 -22.11 -10.14
C ALA D 55 1.67 -22.77 -11.48
N ALA D 56 2.04 -22.08 -12.53
CA ALA D 56 1.90 -22.62 -13.85
C ALA D 56 0.43 -22.68 -14.15
N CYS D 57 -0.29 -23.42 -13.34
CA CYS D 57 -1.71 -23.53 -13.51
C CYS D 57 -2.31 -23.25 -12.18
N ILE D 58 -3.34 -22.43 -12.11
CA ILE D 58 -3.88 -22.14 -10.78
C ILE D 58 -5.35 -21.69 -10.82
N THR D 59 -6.06 -21.95 -9.73
CA THR D 59 -7.45 -21.51 -9.61
C THR D 59 -7.50 -20.12 -9.00
N PRO D 60 -8.49 -19.31 -9.42
CA PRO D 60 -8.68 -17.95 -8.90
C PRO D 60 -8.73 -17.86 -7.38
N VAL D 61 -9.26 -18.88 -6.70
CA VAL D 61 -9.36 -18.83 -5.24
C VAL D 61 -7.99 -19.02 -4.58
N GLU D 62 -7.23 -19.96 -5.10
CA GLU D 62 -5.89 -20.19 -4.59
C GLU D 62 -4.98 -19.01 -4.93
N LEU D 63 -5.20 -18.45 -6.12
CA LEU D 63 -4.46 -17.26 -6.55
C LEU D 63 -4.77 -16.11 -5.60
N LYS D 64 -6.05 -15.99 -5.23
CA LYS D 64 -6.49 -15.04 -4.21
C LYS D 64 -5.72 -15.24 -2.92
N LYS D 65 -5.61 -16.49 -2.49
CA LYS D 65 -4.85 -16.81 -1.29
C LYS D 65 -3.40 -16.33 -1.39
N VAL D 66 -2.77 -16.57 -2.55
CA VAL D 66 -1.37 -16.19 -2.74
C VAL D 66 -1.17 -14.68 -2.76
N LEU D 67 -2.04 -13.95 -3.42
CA LEU D 67 -1.90 -12.53 -3.49
C LEU D 67 -2.47 -11.74 -2.33
N SER D 68 -3.28 -12.35 -1.49
CA SER D 68 -3.90 -11.60 -0.42
C SER D 68 -4.74 -10.48 -0.98
N VAL D 69 -5.74 -10.82 -1.75
CA VAL D 69 -6.57 -9.86 -2.39
C VAL D 69 -8.01 -10.31 -2.46
N ASP D 70 -8.96 -9.40 -2.64
CA ASP D 70 -10.36 -9.79 -2.78
C ASP D 70 -10.59 -10.54 -4.09
N LEU D 71 -11.53 -11.47 -4.07
CA LEU D 71 -11.77 -12.35 -5.22
C LEU D 71 -12.36 -11.61 -6.43
N GLY D 72 -13.28 -10.68 -6.18
CA GLY D 72 -13.88 -9.92 -7.26
C GLY D 72 -12.86 -9.00 -7.93
N ALA D 73 -12.03 -8.38 -7.09
CA ALA D 73 -10.91 -7.58 -7.56
C ALA D 73 -10.02 -8.40 -8.49
N LEU D 74 -9.64 -9.58 -8.02
CA LEU D 74 -8.81 -10.49 -8.80
C LEU D 74 -9.51 -10.91 -10.09
N THR D 75 -10.83 -11.01 -10.04
CA THR D 75 -11.63 -11.37 -11.21
C THR D 75 -11.48 -10.31 -12.29
N ARG D 76 -11.67 -9.05 -11.89
CA ARG D 76 -11.53 -7.94 -12.83
C ARG D 76 -10.08 -7.82 -13.33
N MET D 77 -9.13 -8.11 -12.44
CA MET D 77 -7.72 -8.14 -12.80
C MET D 77 -7.48 -9.16 -13.90
N LEU D 78 -8.03 -10.35 -13.72
CA LEU D 78 -7.88 -11.44 -14.68
C LEU D 78 -8.58 -11.10 -15.99
N ASP D 79 -9.66 -10.32 -15.92
CA ASP D 79 -10.30 -9.83 -17.13
C ASP D 79 -9.35 -8.93 -17.91
N ARG D 80 -8.73 -7.99 -17.20
CA ARG D 80 -7.76 -7.09 -17.83
C ARG D 80 -6.57 -7.86 -18.42
N LEU D 81 -6.07 -8.84 -17.68
CA LEU D 81 -4.95 -9.66 -18.13
C LEU D 81 -5.31 -10.51 -19.35
N VAL D 82 -6.55 -10.98 -19.41
CA VAL D 82 -7.01 -11.77 -20.54
C VAL D 82 -7.14 -10.89 -21.78
N SER D 83 -7.72 -9.71 -21.60
CA SER D 83 -7.90 -8.78 -22.72
C SER D 83 -6.55 -8.30 -23.27
N LYS D 84 -5.52 -8.35 -22.45
CA LYS D 84 -4.17 -7.96 -22.88
C LYS D 84 -3.40 -9.16 -23.44
N GLY D 85 -4.07 -10.31 -23.51
CA GLY D 85 -3.49 -11.50 -24.11
C GLY D 85 -2.32 -12.10 -23.36
N TRP D 86 -2.31 -11.95 -22.04
CA TRP D 86 -1.24 -12.49 -21.21
C TRP D 86 -1.72 -13.74 -20.46
N VAL D 87 -3.04 -13.88 -20.34
CA VAL D 87 -3.63 -14.93 -19.52
C VAL D 87 -4.83 -15.56 -20.22
N GLU D 88 -4.95 -16.88 -20.11
CA GLU D 88 -6.13 -17.56 -20.65
C GLU D 88 -6.85 -18.36 -19.56
N ARG D 89 -8.16 -18.41 -19.65
CA ARG D 89 -8.98 -19.20 -18.73
C ARG D 89 -9.30 -20.57 -19.34
N LEU D 90 -9.02 -21.62 -18.57
CA LEU D 90 -9.32 -22.98 -19.00
C LEU D 90 -10.29 -23.65 -18.03
N PRO D 91 -11.11 -24.58 -18.54
CA PRO D 91 -11.98 -25.35 -17.64
C PRO D 91 -11.16 -26.20 -16.66
N ASN D 92 -11.74 -26.50 -15.50
CA ASN D 92 -11.05 -27.29 -14.49
C ASN D 92 -11.57 -28.73 -14.48
N PRO D 93 -10.72 -29.68 -14.92
CA PRO D 93 -11.07 -31.11 -14.98
C PRO D 93 -11.50 -31.69 -13.62
N ASN D 94 -11.19 -30.98 -12.54
CA ASN D 94 -11.52 -31.45 -11.20
C ASN D 94 -12.75 -30.76 -10.62
N ASP D 95 -13.25 -29.73 -11.30
CA ASP D 95 -14.40 -28.98 -10.78
C ASP D 95 -15.13 -28.23 -11.89
N LYS D 96 -16.44 -28.46 -11.99
CA LYS D 96 -17.24 -27.89 -13.08
C LYS D 96 -17.68 -26.45 -12.83
N ARG D 97 -17.48 -25.95 -11.62
CA ARG D 97 -17.90 -24.60 -11.28
C ARG D 97 -16.74 -23.62 -11.35
N GLY D 98 -15.53 -24.14 -11.27
CA GLY D 98 -14.33 -23.31 -11.28
C GLY D 98 -13.65 -23.26 -12.62
N VAL D 99 -12.56 -22.52 -12.69
CA VAL D 99 -11.76 -22.43 -13.91
C VAL D 99 -10.28 -22.49 -13.61
N LEU D 100 -9.47 -22.72 -14.63
CA LEU D 100 -8.02 -22.71 -14.48
C LEU D 100 -7.42 -21.52 -15.20
N VAL D 101 -6.40 -20.94 -14.57
CA VAL D 101 -5.70 -19.77 -15.09
C VAL D 101 -4.25 -20.12 -15.36
N LYS D 102 -3.79 -19.78 -16.56
CA LYS D 102 -2.44 -20.10 -17.00
C LYS D 102 -1.90 -18.98 -17.90
N LEU D 103 -0.59 -18.81 -17.91
CA LEU D 103 0.03 -17.83 -18.80
C LEU D 103 -0.07 -18.24 -20.26
N THR D 104 -0.30 -17.27 -21.12
CA THR D 104 -0.19 -17.50 -22.56
C THR D 104 1.26 -17.34 -22.96
N THR D 105 1.54 -17.45 -24.26
CA THR D 105 2.89 -17.30 -24.76
C THR D 105 3.38 -15.87 -24.48
N GLY D 106 2.52 -14.91 -24.73
CA GLY D 106 2.82 -13.51 -24.49
C GLY D 106 3.03 -13.19 -23.03
N GLY D 107 2.34 -13.91 -22.15
CA GLY D 107 2.51 -13.72 -20.72
C GLY D 107 3.91 -14.08 -20.28
N ALA D 108 4.35 -15.28 -20.66
CA ALA D 108 5.71 -15.72 -20.38
C ALA D 108 6.71 -14.78 -21.04
N ALA D 109 6.37 -14.35 -22.24
CA ALA D 109 7.21 -13.43 -23.01
C ALA D 109 7.48 -12.16 -22.21
N ILE D 110 6.41 -11.46 -21.82
CA ILE D 110 6.54 -10.20 -21.11
C ILE D 110 7.12 -10.41 -19.71
N CYS D 111 6.96 -11.61 -19.15
CA CYS D 111 7.61 -11.90 -17.88
C CYS D 111 9.13 -11.95 -18.05
N GLU D 112 9.57 -12.60 -19.12
CA GLU D 112 10.99 -12.66 -19.43
C GLU D 112 11.53 -11.28 -19.80
N GLN D 113 10.72 -10.49 -20.48
CA GLN D 113 11.08 -9.13 -20.85
C GLN D 113 11.27 -8.27 -19.62
N CYS D 114 10.34 -8.38 -18.67
CA CYS D 114 10.44 -7.68 -17.40
C CYS D 114 11.69 -8.08 -16.66
N HIS D 115 11.93 -9.40 -16.58
CA HIS D 115 13.09 -9.93 -15.87
C HIS D 115 14.41 -9.40 -16.46
N GLN D 116 14.52 -9.46 -17.79
CA GLN D 116 15.76 -9.08 -18.46
C GLN D 116 15.97 -7.56 -18.39
N LEU D 117 14.89 -6.80 -18.52
CA LEU D 117 14.96 -5.34 -18.50
C LEU D 117 15.29 -4.81 -17.11
N VAL D 118 14.46 -5.15 -16.13
CA VAL D 118 14.63 -4.64 -14.78
C VAL D 118 15.84 -5.24 -14.07
N GLY D 119 15.99 -6.56 -14.20
CA GLY D 119 17.10 -7.26 -13.57
C GLY D 119 17.11 -7.06 -12.07
N GLN D 120 18.25 -6.62 -11.55
CA GLN D 120 18.39 -6.36 -10.11
C GLN D 120 18.58 -4.88 -9.84
N ASP D 121 18.30 -4.04 -10.84
CA ASP D 121 18.46 -2.60 -10.71
C ASP D 121 17.48 -2.01 -9.71
N LEU D 122 16.25 -2.51 -9.72
CA LEU D 122 15.22 -2.04 -8.82
C LEU D 122 15.54 -2.39 -7.37
N HIS D 123 15.94 -3.63 -7.15
CA HIS D 123 16.30 -4.09 -5.82
C HIS D 123 17.47 -3.29 -5.25
N GLN D 124 18.39 -2.91 -6.13
CA GLN D 124 19.55 -2.11 -5.71
C GLN D 124 19.15 -0.68 -5.40
N GLU D 125 18.33 -0.08 -6.25
CA GLU D 125 17.91 1.29 -6.07
C GLU D 125 17.06 1.47 -4.81
N LEU D 126 16.16 0.51 -4.58
CA LEU D 126 15.28 0.55 -3.41
C LEU D 126 16.08 0.46 -2.12
N THR D 127 17.15 -0.32 -2.13
CA THR D 127 17.96 -0.54 -0.92
C THR D 127 19.35 0.05 -1.05
N LYS D 128 19.47 1.17 -1.76
CA LYS D 128 20.78 1.78 -2.02
C LYS D 128 21.37 2.41 -0.77
N ASN D 129 20.53 2.64 0.23
CA ASN D 129 20.98 3.24 1.49
C ASN D 129 21.24 2.18 2.57
N LEU D 130 21.04 0.92 2.22
CA LEU D 130 21.18 -0.16 3.19
C LEU D 130 22.24 -1.18 2.77
N THR D 131 22.75 -1.91 3.75
CA THR D 131 23.69 -3.00 3.49
C THR D 131 22.92 -4.32 3.49
N ALA D 132 23.57 -5.37 3.01
CA ALA D 132 22.94 -6.69 2.91
C ALA D 132 22.46 -7.17 4.28
N ASP D 133 23.23 -6.88 5.31
CA ASP D 133 22.86 -7.27 6.67
C ASP D 133 21.66 -6.46 7.15
N GLU D 134 21.63 -5.18 6.81
CA GLU D 134 20.51 -4.32 7.16
C GLU D 134 19.25 -4.75 6.41
N VAL D 135 19.41 -5.17 5.16
CA VAL D 135 18.30 -5.65 4.36
C VAL D 135 17.75 -6.96 4.90
N ALA D 136 18.65 -7.85 5.29
CA ALA D 136 18.26 -9.15 5.85
C ALA D 136 17.56 -8.97 7.20
N THR D 137 18.09 -8.08 8.02
CA THR D 137 17.48 -7.76 9.31
C THR D 137 16.10 -7.17 9.12
N LEU D 138 15.98 -6.24 8.19
CA LEU D 138 14.70 -5.62 7.85
C LEU D 138 13.70 -6.67 7.41
N GLU D 139 14.16 -7.62 6.61
CA GLU D 139 13.33 -8.73 6.14
C GLU D 139 12.84 -9.60 7.30
N TYR D 140 13.76 -9.96 8.20
CA TYR D 140 13.45 -10.78 9.35
C TYR D 140 12.43 -10.12 10.27
N LEU D 141 12.67 -8.86 10.60
CA LEU D 141 11.76 -8.10 11.45
C LEU D 141 10.38 -8.00 10.79
N LEU D 142 10.37 -7.67 9.50
CA LEU D 142 9.12 -7.54 8.75
C LEU D 142 8.31 -8.82 8.77
N LYS D 143 8.97 -9.96 8.53
CA LYS D 143 8.25 -11.22 8.52
C LYS D 143 7.82 -11.59 9.92
N LYS D 144 8.57 -11.15 10.93
CA LYS D 144 8.17 -11.39 12.31
C LYS D 144 6.94 -10.54 12.66
N VAL D 145 6.74 -9.45 11.94
CA VAL D 145 5.53 -8.65 12.09
C VAL D 145 4.33 -9.41 11.55
N LEU D 146 4.55 -10.20 10.50
CA LEU D 146 3.49 -11.02 9.91
C LEU D 146 2.92 -12.01 10.92
N PRO D 147 1.58 -12.04 11.04
CA PRO D 147 0.92 -12.94 11.99
C PRO D 147 1.00 -14.39 11.55
#